data_7V2S
#
_entry.id   7V2S
#
_cell.length_a   51.057
_cell.length_b   52.564
_cell.length_c   57.261
_cell.angle_alpha   69.007
_cell.angle_beta   75.727
_cell.angle_gamma   83.352
#
_symmetry.space_group_name_H-M   'P 1'
#
loop_
_entity.id
_entity.type
_entity.pdbx_description
1 polymer 'Methyltranfer_dom domain-containing protein'
2 water water
#
_entity_poly.entity_id   1
_entity_poly.type   'polypeptide(L)'
_entity_poly.pdbx_seq_one_letter_code
;(MSE)HHHHHHSSGVDLGTENLYFQ(MSE)NDHLDFYHDCNDVTRIDAIESLTEYGSKLKFKPKAKVIEVGCADGSVSNI
LFQHLPKDIELLLSCDKNEKAVQFAKEHYKNNKTAYRVLDIEGDLPEDLKGKFDNFISL(MSE)TFHWVPQQEKAFRNVY
DLLAEDGECFLTLKSYSHIYH(MSE)FVLQSKSRKWGPF(MSE)KN(MSE)KNFLSPYYDLS(MSE)PDQHIAKILKNVG
FKNIDVRSKQK(MSE)YTFKNLEKFRGL(MSE)IGVNPFKVPENEFENYIDDL(MSE)ETARTLRIIDEENGTLSFLFN
(MSE)NIVHCTK
;
_entity_poly.pdbx_strand_id   A,B
#
# COMPACT_ATOMS: atom_id res chain seq x y z
N CYS A 32 -20.45 5.35 -9.58
CA CYS A 32 -19.09 5.55 -10.15
C CYS A 32 -18.73 7.04 -10.16
N ASN A 33 -17.43 7.34 -10.12
CA ASN A 33 -16.88 8.72 -10.20
C ASN A 33 -15.56 8.64 -10.98
N ASP A 34 -14.94 9.79 -11.26
CA ASP A 34 -13.74 9.86 -12.13
C ASP A 34 -12.59 9.08 -11.49
N VAL A 35 -12.53 8.97 -10.16
CA VAL A 35 -11.44 8.22 -9.46
C VAL A 35 -11.53 6.74 -9.85
N THR A 36 -12.72 6.13 -9.78
CA THR A 36 -12.92 4.68 -10.05
C THR A 36 -12.72 4.42 -11.56
N ARG A 37 -13.04 5.39 -12.41
CA ARG A 37 -12.84 5.26 -13.88
C ARG A 37 -11.32 5.12 -14.14
N ILE A 38 -10.53 6.05 -13.61
CA ILE A 38 -9.04 6.05 -13.81
C ILE A 38 -8.49 4.77 -13.17
N ASP A 39 -8.98 4.39 -11.98
CA ASP A 39 -8.52 3.17 -11.28
C ASP A 39 -8.81 1.95 -12.17
N ALA A 40 -10.03 1.86 -12.69
CA ALA A 40 -10.42 0.73 -13.57
C ALA A 40 -9.41 0.61 -14.74
N ILE A 41 -9.12 1.71 -15.43
CA ILE A 41 -8.20 1.75 -16.60
C ILE A 41 -6.81 1.28 -16.14
N GLU A 42 -6.31 1.77 -15.01
CA GLU A 42 -4.94 1.42 -14.55
C GLU A 42 -4.88 -0.08 -14.22
N SER A 43 -5.91 -0.61 -13.53
CA SER A 43 -5.98 -2.02 -13.07
C SER A 43 -6.18 -2.97 -14.27
N LEU A 44 -6.98 -2.59 -15.26
CA LEU A 44 -7.22 -3.42 -16.47
C LEU A 44 -6.00 -3.34 -17.40
N THR A 45 -5.39 -2.17 -17.50
CA THR A 45 -4.09 -1.97 -18.19
C THR A 45 -3.05 -2.92 -17.56
N GLU A 46 -2.83 -2.79 -16.25
CA GLU A 46 -1.79 -3.56 -15.53
C GLU A 46 -2.09 -5.07 -15.64
N TYR A 47 -3.34 -5.51 -15.47
CA TYR A 47 -3.67 -6.95 -15.28
C TYR A 47 -4.39 -7.58 -16.48
N GLY A 48 -4.95 -6.79 -17.40
CA GLY A 48 -5.86 -7.30 -18.45
C GLY A 48 -5.28 -8.50 -19.17
N SER A 49 -4.00 -8.44 -19.52
CA SER A 49 -3.25 -9.47 -20.29
C SER A 49 -3.04 -10.75 -19.45
N LYS A 50 -3.17 -10.69 -18.12
CA LYS A 50 -3.03 -11.87 -17.23
C LYS A 50 -4.39 -12.50 -16.90
N LEU A 51 -5.51 -11.85 -17.25
CA LEU A 51 -6.86 -12.42 -17.05
C LEU A 51 -7.14 -13.49 -18.10
N LYS A 52 -7.40 -14.72 -17.67
CA LYS A 52 -7.73 -15.85 -18.57
C LYS A 52 -9.25 -15.88 -18.77
N PHE A 53 -9.66 -15.73 -20.03
CA PHE A 53 -11.03 -15.96 -20.52
C PHE A 53 -10.99 -17.19 -21.42
N LYS A 54 -11.79 -18.19 -21.09
CA LYS A 54 -12.05 -19.38 -21.93
C LYS A 54 -12.90 -18.92 -23.11
N PRO A 55 -12.89 -19.64 -24.25
CA PRO A 55 -13.79 -19.32 -25.37
C PRO A 55 -15.24 -19.17 -24.90
N LYS A 56 -15.91 -18.12 -25.37
CA LYS A 56 -17.35 -17.85 -25.08
C LYS A 56 -17.57 -17.83 -23.57
N ALA A 57 -16.67 -17.19 -22.82
CA ALA A 57 -16.76 -17.05 -21.35
C ALA A 57 -18.08 -16.36 -21.00
N LYS A 58 -18.78 -16.83 -19.97
CA LYS A 58 -19.89 -16.08 -19.32
C LYS A 58 -19.26 -15.28 -18.17
N VAL A 59 -19.40 -13.95 -18.20
CA VAL A 59 -18.71 -13.00 -17.30
C VAL A 59 -19.79 -12.27 -16.51
N ILE A 60 -19.64 -12.23 -15.18
CA ILE A 60 -20.51 -11.43 -14.27
C ILE A 60 -19.64 -10.30 -13.71
N GLU A 61 -20.22 -9.10 -13.68
CA GLU A 61 -19.63 -7.85 -13.16
C GLU A 61 -20.56 -7.31 -12.07
N VAL A 62 -19.98 -6.96 -10.93
CA VAL A 62 -20.67 -6.22 -9.86
C VAL A 62 -19.94 -4.89 -9.71
N GLY A 63 -20.65 -3.79 -9.97
CA GLY A 63 -20.18 -2.41 -9.82
C GLY A 63 -21.39 -1.50 -9.67
N CYS A 64 -21.23 -0.20 -9.92
CA CYS A 64 -22.36 0.71 -10.23
C CYS A 64 -22.90 0.32 -11.62
N ALA A 65 -24.12 -0.24 -11.68
CA ALA A 65 -24.81 -0.66 -12.93
C ALA A 65 -24.64 0.43 -14.00
N ASP A 66 -24.56 1.70 -13.56
CA ASP A 66 -24.20 2.88 -14.39
C ASP A 66 -23.07 2.50 -15.36
N GLY A 67 -23.13 3.01 -16.58
CA GLY A 67 -22.43 2.43 -17.74
C GLY A 67 -20.91 2.53 -17.63
N SER A 68 -20.43 3.58 -16.96
CA SER A 68 -19.06 4.14 -17.12
C SER A 68 -18.01 3.04 -17.04
N VAL A 69 -17.81 2.48 -15.85
CA VAL A 69 -16.75 1.46 -15.55
C VAL A 69 -17.04 0.17 -16.32
N SER A 70 -18.31 -0.21 -16.43
CA SER A 70 -18.76 -1.40 -17.19
C SER A 70 -18.38 -1.23 -18.67
N ASN A 71 -18.58 -0.03 -19.25
CA ASN A 71 -18.20 0.25 -20.66
C ASN A 71 -16.68 0.09 -20.82
N ILE A 72 -15.89 0.60 -19.86
CA ILE A 72 -14.40 0.47 -19.89
C ILE A 72 -14.03 -1.02 -19.84
N LEU A 73 -14.55 -1.74 -18.84
CA LEU A 73 -14.29 -3.19 -18.68
C LEU A 73 -14.63 -3.90 -19.99
N PHE A 74 -15.78 -3.59 -20.60
CA PHE A 74 -16.24 -4.25 -21.83
C PHE A 74 -15.13 -4.22 -22.88
N GLN A 75 -14.50 -3.06 -23.06
CA GLN A 75 -13.40 -2.85 -24.06
C GLN A 75 -12.24 -3.83 -23.82
N HIS A 76 -12.04 -4.32 -22.59
CA HIS A 76 -10.89 -5.20 -22.24
C HIS A 76 -11.27 -6.66 -22.34
N LEU A 77 -12.55 -6.99 -22.52
CA LEU A 77 -12.98 -8.41 -22.58
C LEU A 77 -12.74 -8.98 -23.98
N PRO A 78 -12.46 -10.30 -24.12
CA PRO A 78 -12.37 -10.94 -25.42
C PRO A 78 -13.63 -10.66 -26.25
N LYS A 79 -13.47 -10.52 -27.57
CA LYS A 79 -14.60 -10.23 -28.49
C LYS A 79 -15.50 -11.48 -28.58
N ASP A 80 -14.97 -12.64 -28.16
CA ASP A 80 -15.62 -13.99 -28.19
C ASP A 80 -16.57 -14.24 -27.00
N ILE A 81 -16.52 -13.44 -25.93
CA ILE A 81 -17.24 -13.76 -24.65
C ILE A 81 -18.73 -14.05 -24.96
N GLU A 82 -19.29 -15.10 -24.34
CA GLU A 82 -20.74 -15.40 -24.44
C GLU A 82 -21.53 -14.18 -23.98
N LEU A 83 -21.49 -13.88 -22.67
CA LEU A 83 -22.31 -12.81 -22.06
C LEU A 83 -21.51 -12.04 -21.01
N LEU A 84 -21.86 -10.77 -20.85
CA LEU A 84 -21.45 -9.96 -19.70
C LEU A 84 -22.73 -9.62 -18.92
N LEU A 85 -22.95 -10.33 -17.81
CA LEU A 85 -24.04 -9.97 -16.88
C LEU A 85 -23.50 -8.89 -15.95
N SER A 86 -24.07 -7.69 -16.00
CA SER A 86 -23.67 -6.54 -15.15
C SER A 86 -24.72 -6.33 -14.05
N CYS A 87 -24.34 -6.50 -12.78
CA CYS A 87 -25.28 -6.57 -11.65
C CYS A 87 -25.12 -5.38 -10.70
N ASP A 88 -26.24 -4.96 -10.11
CA ASP A 88 -26.33 -3.89 -9.10
C ASP A 88 -27.32 -4.31 -8.00
N LYS A 89 -27.14 -3.69 -6.83
CA LYS A 89 -27.99 -3.82 -5.62
C LYS A 89 -29.25 -2.95 -5.81
N ASN A 90 -29.13 -1.80 -6.46
CA ASN A 90 -30.28 -0.86 -6.62
C ASN A 90 -31.14 -1.32 -7.79
N GLU A 91 -32.34 -1.83 -7.47
CA GLU A 91 -33.39 -2.25 -8.43
C GLU A 91 -33.57 -1.15 -9.48
N LYS A 92 -33.65 0.12 -9.05
CA LYS A 92 -33.89 1.28 -9.93
C LYS A 92 -32.77 1.36 -10.96
N ALA A 93 -31.51 1.30 -10.51
CA ALA A 93 -30.30 1.41 -11.35
C ALA A 93 -30.33 0.34 -12.44
N VAL A 94 -30.64 -0.89 -12.05
CA VAL A 94 -30.79 -2.04 -13.00
C VAL A 94 -31.91 -1.67 -14.01
N GLN A 95 -33.07 -1.22 -13.53
CA GLN A 95 -34.28 -0.99 -14.38
C GLN A 95 -33.95 0.09 -15.41
N PHE A 96 -33.22 1.14 -14.99
CA PHE A 96 -32.76 2.22 -15.89
C PHE A 96 -31.80 1.64 -16.94
N ALA A 97 -30.87 0.78 -16.50
CA ALA A 97 -29.83 0.14 -17.34
C ALA A 97 -30.47 -0.67 -18.48
N LYS A 98 -31.51 -1.46 -18.18
CA LYS A 98 -32.24 -2.32 -19.17
C LYS A 98 -32.90 -1.45 -20.25
N GLU A 99 -33.45 -0.31 -19.85
CA GLU A 99 -34.26 0.62 -20.70
C GLU A 99 -33.33 1.60 -21.43
N HIS A 100 -32.19 1.94 -20.83
CA HIS A 100 -31.25 2.99 -21.34
C HIS A 100 -30.08 2.33 -22.08
N TYR A 101 -29.19 1.64 -21.37
CA TYR A 101 -27.93 1.08 -21.93
C TYR A 101 -28.29 -0.02 -22.93
N LYS A 102 -27.49 -0.14 -23.98
CA LYS A 102 -27.74 -1.04 -25.13
C LYS A 102 -26.38 -1.50 -25.67
N ASN A 103 -26.08 -2.77 -25.50
CA ASN A 103 -24.90 -3.46 -26.09
C ASN A 103 -25.34 -4.89 -26.40
N ASN A 104 -24.79 -5.52 -27.42
CA ASN A 104 -25.25 -6.87 -27.83
C ASN A 104 -25.02 -7.86 -26.67
N LYS A 105 -23.87 -7.79 -26.00
CA LYS A 105 -23.35 -8.89 -25.12
C LYS A 105 -23.67 -8.67 -23.65
N THR A 106 -24.52 -7.71 -23.32
CA THR A 106 -24.68 -7.20 -21.95
C THR A 106 -26.12 -7.36 -21.48
N ALA A 107 -26.29 -7.96 -20.29
CA ALA A 107 -27.57 -8.07 -19.54
C ALA A 107 -27.40 -7.47 -18.14
N TYR A 108 -28.43 -6.84 -17.60
CA TYR A 108 -28.44 -6.24 -16.24
C TYR A 108 -29.32 -7.09 -15.34
N ARG A 109 -28.86 -7.31 -14.12
CA ARG A 109 -29.66 -8.03 -13.11
C ARG A 109 -29.42 -7.42 -11.74
N VAL A 110 -30.48 -7.34 -10.96
CA VAL A 110 -30.46 -6.98 -9.52
C VAL A 110 -29.74 -8.12 -8.78
N LEU A 111 -28.60 -7.83 -8.18
CA LEU A 111 -27.88 -8.80 -7.33
C LEU A 111 -27.28 -8.06 -6.13
N ASP A 112 -27.43 -8.67 -4.96
CA ASP A 112 -26.99 -8.13 -3.65
C ASP A 112 -25.87 -9.06 -3.19
N ILE A 113 -24.62 -8.68 -3.43
CA ILE A 113 -23.48 -9.63 -3.34
C ILE A 113 -23.36 -10.13 -1.90
N GLU A 114 -23.89 -9.33 -0.95
CA GLU A 114 -23.90 -9.63 0.50
C GLU A 114 -25.09 -10.56 0.84
N GLY A 115 -26.05 -10.67 -0.08
CA GLY A 115 -27.32 -11.37 0.17
C GLY A 115 -27.22 -12.83 -0.21
N ASP A 116 -28.38 -13.41 -0.56
CA ASP A 116 -28.49 -14.80 -1.04
C ASP A 116 -28.41 -14.79 -2.56
N LEU A 117 -27.62 -15.71 -3.12
CA LEU A 117 -27.56 -15.92 -4.59
C LEU A 117 -28.88 -16.58 -5.01
N PRO A 118 -29.60 -16.01 -5.99
CA PRO A 118 -30.63 -16.77 -6.69
C PRO A 118 -29.99 -18.03 -7.31
N GLU A 119 -30.74 -19.12 -7.40
CA GLU A 119 -30.22 -20.47 -7.77
C GLU A 119 -29.74 -20.49 -9.23
N ASP A 120 -30.32 -19.68 -10.12
CA ASP A 120 -30.07 -19.77 -11.59
C ASP A 120 -28.73 -19.13 -11.96
N LEU A 121 -28.06 -18.45 -11.01
CA LEU A 121 -26.72 -17.84 -11.22
C LEU A 121 -25.63 -18.74 -10.59
N LYS A 122 -25.97 -19.65 -9.68
CA LYS A 122 -24.97 -20.49 -8.95
C LYS A 122 -24.18 -21.38 -9.93
N GLY A 123 -22.84 -21.25 -9.93
CA GLY A 123 -21.90 -22.07 -10.70
C GLY A 123 -21.90 -21.77 -12.19
N LYS A 124 -22.51 -20.67 -12.64
CA LYS A 124 -22.75 -20.41 -14.09
C LYS A 124 -21.69 -19.50 -14.73
N PHE A 125 -20.71 -18.94 -14.01
CA PHE A 125 -19.81 -17.91 -14.60
C PHE A 125 -18.36 -18.36 -14.60
N ASP A 126 -17.66 -18.05 -15.69
CA ASP A 126 -16.21 -18.33 -15.88
C ASP A 126 -15.37 -17.20 -15.28
N ASN A 127 -15.89 -15.97 -15.24
CA ASN A 127 -15.14 -14.80 -14.73
C ASN A 127 -16.05 -13.92 -13.90
N PHE A 128 -15.59 -13.61 -12.69
CA PHE A 128 -16.20 -12.58 -11.81
C PHE A 128 -15.25 -11.38 -11.81
N ILE A 129 -15.81 -10.19 -12.02
CA ILE A 129 -15.08 -8.90 -12.03
C ILE A 129 -15.86 -7.89 -11.19
N SER A 130 -15.23 -7.33 -10.18
CA SER A 130 -15.77 -6.17 -9.44
C SER A 130 -14.67 -5.14 -9.22
N LEU A 131 -14.79 -3.99 -9.86
CA LEU A 131 -13.80 -2.89 -9.75
C LEU A 131 -14.35 -1.86 -8.78
N THR A 133 -15.74 -1.70 -5.57
CA THR A 133 -17.09 -1.85 -5.05
C THR A 133 -17.05 -2.49 -3.67
N PHE A 134 -16.13 -3.43 -3.47
CA PHE A 134 -16.12 -4.35 -2.30
C PHE A 134 -15.76 -3.65 -0.98
N HIS A 135 -15.13 -2.47 -0.98
CA HIS A 135 -14.85 -1.70 0.26
C HIS A 135 -16.16 -1.22 0.90
N TRP A 136 -17.26 -1.17 0.15
CA TRP A 136 -18.67 -0.89 0.60
C TRP A 136 -19.35 -2.10 1.25
N VAL A 137 -18.78 -3.31 1.17
CA VAL A 137 -19.41 -4.59 1.63
C VAL A 137 -18.83 -4.98 2.99
N PRO A 138 -19.52 -4.66 4.11
CA PRO A 138 -18.97 -5.00 5.43
C PRO A 138 -18.84 -6.52 5.59
N GLN A 139 -19.71 -7.31 4.96
CA GLN A 139 -19.71 -8.79 5.10
C GLN A 139 -18.80 -9.38 4.02
N GLN A 140 -17.50 -9.24 4.23
CA GLN A 140 -16.46 -9.66 3.26
C GLN A 140 -16.54 -11.17 2.99
N GLU A 141 -16.54 -12.00 4.02
CA GLU A 141 -16.54 -13.48 3.80
C GLU A 141 -17.81 -13.87 3.04
N LYS A 142 -18.96 -13.32 3.42
CA LYS A 142 -20.24 -13.67 2.74
C LYS A 142 -20.12 -13.30 1.27
N ALA A 143 -19.63 -12.10 0.96
CA ALA A 143 -19.51 -11.61 -0.43
C ALA A 143 -18.57 -12.51 -1.22
N PHE A 144 -17.43 -12.92 -0.64
CA PHE A 144 -16.41 -13.76 -1.35
C PHE A 144 -16.90 -15.19 -1.51
N ARG A 145 -17.62 -15.73 -0.52
CA ARG A 145 -18.27 -17.06 -0.68
C ARG A 145 -19.30 -17.01 -1.83
N ASN A 146 -20.05 -15.91 -1.98
CA ASN A 146 -20.95 -15.71 -3.14
C ASN A 146 -20.16 -15.61 -4.45
N VAL A 147 -18.98 -14.99 -4.46
CA VAL A 147 -18.11 -14.93 -5.66
C VAL A 147 -17.76 -16.38 -6.02
N TYR A 148 -17.26 -17.13 -5.05
CA TYR A 148 -16.96 -18.58 -5.19
C TYR A 148 -18.18 -19.30 -5.78
N ASP A 149 -19.38 -19.09 -5.24
CA ASP A 149 -20.58 -19.89 -5.63
C ASP A 149 -21.08 -19.44 -7.02
N LEU A 150 -20.81 -18.20 -7.47
CA LEU A 150 -21.22 -17.74 -8.83
C LEU A 150 -20.31 -18.37 -9.87
N LEU A 151 -19.10 -18.77 -9.49
CA LEU A 151 -18.10 -19.26 -10.46
C LEU A 151 -18.30 -20.74 -10.78
N ALA A 152 -18.26 -21.06 -12.06
CA ALA A 152 -18.09 -22.43 -12.61
C ALA A 152 -16.73 -22.93 -12.15
N GLU A 153 -16.42 -24.20 -12.42
CA GLU A 153 -15.10 -24.80 -12.05
C GLU A 153 -14.04 -24.17 -12.96
N ASP A 154 -12.86 -23.86 -12.40
CA ASP A 154 -11.75 -23.13 -13.08
C ASP A 154 -12.16 -21.67 -13.36
N GLY A 155 -13.24 -21.19 -12.76
CA GLY A 155 -13.67 -19.79 -12.84
C GLY A 155 -12.63 -18.84 -12.26
N GLU A 156 -12.44 -17.67 -12.87
CA GLU A 156 -11.39 -16.70 -12.48
C GLU A 156 -12.05 -15.46 -11.85
N CYS A 157 -11.54 -15.05 -10.69
CA CYS A 157 -12.03 -13.90 -9.88
C CYS A 157 -11.07 -12.72 -10.06
N PHE A 158 -11.54 -11.51 -10.43
CA PHE A 158 -10.72 -10.28 -10.46
C PHE A 158 -11.46 -9.13 -9.79
N LEU A 159 -10.97 -8.66 -8.64
CA LEU A 159 -11.63 -7.62 -7.80
C LEU A 159 -10.60 -6.54 -7.42
N THR A 160 -11.02 -5.29 -7.33
CA THR A 160 -10.21 -4.19 -6.75
C THR A 160 -11.05 -3.52 -5.68
N LEU A 161 -10.42 -3.14 -4.57
CA LEU A 161 -11.11 -2.43 -3.48
C LEU A 161 -10.10 -1.54 -2.75
N LYS A 162 -10.61 -0.48 -2.13
CA LYS A 162 -9.89 0.43 -1.22
C LYS A 162 -9.59 -0.28 0.09
N SER A 163 -8.46 0.06 0.68
CA SER A 163 -8.16 -0.12 2.11
C SER A 163 -8.10 1.30 2.71
N TYR A 164 -6.99 1.72 3.31
CA TYR A 164 -6.87 3.09 3.84
C TYR A 164 -6.97 4.12 2.70
N SER A 165 -7.45 5.31 3.06
CA SER A 165 -7.57 6.45 2.15
C SER A 165 -7.65 7.75 2.94
N HIS A 166 -7.19 8.83 2.34
CA HIS A 166 -7.30 10.18 2.94
C HIS A 166 -8.75 10.61 2.90
N ILE A 167 -9.56 10.09 1.98
CA ILE A 167 -11.02 10.47 1.97
C ILE A 167 -11.63 9.84 3.22
N TYR A 168 -11.36 8.57 3.47
CA TYR A 168 -11.89 7.89 4.68
C TYR A 168 -11.38 8.69 5.90
N HIS A 169 -10.14 9.16 5.83
CA HIS A 169 -9.46 9.80 6.99
C HIS A 169 -10.12 11.14 7.28
N PHE A 171 -13.30 11.74 6.78
CA PHE A 171 -14.51 11.39 7.51
C PHE A 171 -14.19 11.01 8.96
N VAL A 172 -13.08 10.32 9.22
CA VAL A 172 -12.71 9.94 10.61
C VAL A 172 -12.49 11.23 11.41
N LEU A 173 -11.81 12.23 10.84
CA LEU A 173 -11.49 13.48 11.58
C LEU A 173 -12.82 14.13 11.95
N GLN A 174 -13.73 14.23 10.98
CA GLN A 174 -15.11 14.78 11.13
C GLN A 174 -15.83 14.03 12.26
N SER A 175 -15.79 12.71 12.25
CA SER A 175 -16.49 11.84 13.25
C SER A 175 -15.98 12.11 14.67
N LYS A 176 -14.81 12.71 14.83
CA LYS A 176 -14.18 12.91 16.17
C LYS A 176 -14.45 14.33 16.67
N SER A 177 -15.22 15.15 15.93
CA SER A 177 -15.65 16.50 16.34
C SER A 177 -16.76 16.39 17.39
N ARG A 178 -16.77 17.28 18.38
CA ARG A 178 -17.87 17.38 19.39
C ARG A 178 -19.21 17.57 18.66
N LYS A 179 -19.23 18.30 17.54
CA LYS A 179 -20.50 18.67 16.85
C LYS A 179 -21.03 17.52 15.98
N TRP A 180 -20.18 16.80 15.25
CA TRP A 180 -20.64 15.86 14.19
C TRP A 180 -20.56 14.41 14.69
N GLY A 181 -19.71 14.14 15.69
CA GLY A 181 -19.50 12.78 16.23
C GLY A 181 -20.82 12.10 16.59
N PRO A 182 -21.73 12.83 17.28
CA PRO A 182 -23.07 12.32 17.58
C PRO A 182 -23.81 11.68 16.41
N PHE A 183 -23.74 12.25 15.21
CA PHE A 183 -24.47 11.78 13.99
C PHE A 183 -23.66 10.73 13.22
N LYS A 185 -22.05 7.57 14.38
CA LYS A 185 -21.68 6.47 15.27
C LYS A 185 -21.39 5.20 14.46
N ASN A 186 -22.04 4.99 13.32
CA ASN A 186 -21.84 3.78 12.47
C ASN A 186 -20.81 4.09 11.37
N LYS A 188 -18.11 2.24 11.08
CA LYS A 188 -17.43 0.98 10.83
C LYS A 188 -17.80 0.46 9.44
N ASN A 189 -19.08 0.54 9.10
CA ASN A 189 -19.68 0.03 7.83
C ASN A 189 -19.47 1.04 6.69
N PHE A 190 -19.22 2.31 6.98
CA PHE A 190 -18.87 3.30 5.94
C PHE A 190 -17.41 3.09 5.52
N LEU A 191 -16.50 2.94 6.48
CA LEU A 191 -15.05 2.74 6.21
C LEU A 191 -14.84 1.41 5.47
N SER A 192 -13.82 1.32 4.62
CA SER A 192 -13.30 0.01 4.15
C SER A 192 -13.13 -0.88 5.37
N PRO A 193 -13.55 -2.16 5.31
CA PRO A 193 -13.17 -3.12 6.35
C PRO A 193 -11.64 -3.14 6.51
N TYR A 194 -10.89 -2.68 5.52
CA TYR A 194 -9.40 -2.73 5.58
C TYR A 194 -8.78 -1.37 5.90
N TYR A 195 -9.58 -0.37 6.20
CA TYR A 195 -9.14 1.01 6.51
C TYR A 195 -7.92 1.03 7.44
N ASP A 196 -8.00 0.39 8.61
CA ASP A 196 -6.94 0.49 9.64
C ASP A 196 -6.38 -0.90 9.98
N LEU A 197 -6.35 -1.84 9.05
CA LEU A 197 -5.67 -3.14 9.27
C LEU A 197 -4.25 -3.05 8.69
N SER A 198 -3.35 -3.77 9.37
CA SER A 198 -2.00 -4.12 8.88
C SER A 198 -2.12 -5.32 7.95
N PRO A 200 -3.69 -5.75 4.90
CA PRO A 200 -5.01 -6.10 4.38
C PRO A 200 -4.93 -7.15 3.27
N ASP A 201 -3.84 -7.16 2.50
CA ASP A 201 -3.62 -8.20 1.47
C ASP A 201 -3.62 -9.59 2.13
N GLN A 202 -2.99 -9.76 3.29
CA GLN A 202 -2.96 -11.09 3.98
C GLN A 202 -4.33 -11.39 4.61
N HIS A 203 -5.01 -10.44 5.22
CA HIS A 203 -6.39 -10.62 5.71
C HIS A 203 -7.25 -11.18 4.56
N ILE A 204 -7.19 -10.55 3.38
CA ILE A 204 -8.07 -10.91 2.23
C ILE A 204 -7.67 -12.31 1.73
N ALA A 205 -6.37 -12.58 1.62
CA ALA A 205 -5.84 -13.88 1.14
C ALA A 205 -6.37 -14.98 2.06
N LYS A 206 -6.40 -14.75 3.37
CA LYS A 206 -6.90 -15.71 4.39
C LYS A 206 -8.37 -16.06 4.12
N ILE A 207 -9.21 -15.06 3.89
CA ILE A 207 -10.65 -15.29 3.58
C ILE A 207 -10.76 -16.09 2.29
N LEU A 208 -10.00 -15.77 1.25
CA LEU A 208 -10.10 -16.49 -0.05
C LEU A 208 -9.73 -17.96 0.15
N LYS A 209 -8.68 -18.20 0.93
CA LYS A 209 -8.15 -19.54 1.33
C LYS A 209 -9.29 -20.29 2.04
N ASN A 210 -9.89 -19.69 3.06
CA ASN A 210 -10.99 -20.28 3.86
C ASN A 210 -12.19 -20.61 2.95
N VAL A 211 -12.50 -19.74 1.99
CA VAL A 211 -13.70 -19.93 1.10
C VAL A 211 -13.39 -20.99 0.03
N GLY A 212 -12.13 -21.31 -0.24
CA GLY A 212 -11.76 -22.44 -1.10
C GLY A 212 -11.13 -22.05 -2.42
N PHE A 213 -10.74 -20.80 -2.64
CA PHE A 213 -10.03 -20.40 -3.89
C PHE A 213 -8.61 -20.97 -3.86
N LYS A 214 -8.04 -21.20 -5.04
CA LYS A 214 -6.61 -21.52 -5.23
C LYS A 214 -5.96 -20.45 -6.12
N ASN A 215 -4.64 -20.51 -6.29
CA ASN A 215 -3.84 -19.52 -7.07
C ASN A 215 -4.20 -18.10 -6.62
N ILE A 216 -4.30 -17.91 -5.31
CA ILE A 216 -4.62 -16.60 -4.66
C ILE A 216 -3.43 -15.67 -4.82
N ASP A 217 -3.66 -14.54 -5.50
CA ASP A 217 -2.73 -13.40 -5.67
C ASP A 217 -3.46 -12.15 -5.16
N VAL A 218 -3.04 -11.57 -4.04
CA VAL A 218 -3.60 -10.29 -3.52
C VAL A 218 -2.45 -9.29 -3.51
N ARG A 219 -2.53 -8.25 -4.35
CA ARG A 219 -1.51 -7.15 -4.38
C ARG A 219 -2.16 -5.85 -3.90
N SER A 220 -1.46 -5.17 -3.01
CA SER A 220 -1.75 -3.81 -2.48
C SER A 220 -1.04 -2.79 -3.37
N LYS A 221 -1.57 -1.60 -3.47
CA LYS A 221 -1.00 -0.50 -4.27
C LYS A 221 -1.21 0.79 -3.46
N GLN A 222 -0.22 1.66 -3.41
CA GLN A 222 -0.38 3.08 -3.08
C GLN A 222 -0.75 3.83 -4.37
N LYS A 223 -1.86 4.56 -4.36
CA LYS A 223 -2.29 5.43 -5.48
C LYS A 223 -2.49 6.85 -4.95
N TYR A 225 -4.38 10.58 -6.32
CA TYR A 225 -5.16 11.22 -7.34
C TYR A 225 -5.24 12.72 -7.02
N THR A 226 -5.22 13.54 -8.07
CA THR A 226 -5.24 15.02 -7.99
C THR A 226 -6.50 15.54 -8.67
N PHE A 227 -7.34 16.23 -7.90
CA PHE A 227 -8.43 17.11 -8.41
C PHE A 227 -7.86 18.49 -8.74
N LYS A 228 -8.23 18.99 -9.93
CA LYS A 228 -8.04 20.39 -10.37
C LYS A 228 -9.20 21.26 -9.85
N ASN A 229 -10.33 20.69 -9.42
CA ASN A 229 -11.60 21.43 -9.12
C ASN A 229 -12.16 21.08 -7.73
N LEU A 230 -12.00 21.98 -6.75
CA LEU A 230 -12.48 21.80 -5.34
C LEU A 230 -14.02 21.73 -5.29
N GLU A 231 -14.74 22.38 -6.21
CA GLU A 231 -16.23 22.32 -6.23
C GLU A 231 -16.68 20.93 -6.72
N LYS A 232 -16.07 20.38 -7.76
CA LYS A 232 -16.34 18.99 -8.20
C LYS A 232 -16.14 18.03 -7.01
N PHE A 233 -14.96 18.14 -6.37
CA PHE A 233 -14.59 17.35 -5.16
C PHE A 233 -15.67 17.48 -4.08
N ARG A 234 -16.15 18.70 -3.86
CA ARG A 234 -17.20 18.98 -2.85
C ARG A 234 -18.47 18.19 -3.20
N GLY A 235 -18.92 18.21 -4.45
CA GLY A 235 -20.10 17.40 -4.87
C GLY A 235 -19.93 15.90 -4.60
N LEU A 236 -18.72 15.37 -4.79
CA LEU A 236 -18.41 13.93 -4.61
C LEU A 236 -18.53 13.53 -3.14
N ILE A 238 -20.49 15.13 -0.96
CA ILE A 238 -21.94 15.22 -0.76
C ILE A 238 -22.58 13.89 -1.21
N GLY A 239 -22.16 13.39 -2.38
CA GLY A 239 -22.66 12.15 -3.00
C GLY A 239 -22.39 10.92 -2.14
N VAL A 240 -21.14 10.71 -1.74
CA VAL A 240 -20.65 9.48 -1.03
C VAL A 240 -21.00 9.55 0.46
N ASN A 241 -21.20 10.74 1.02
CA ASN A 241 -21.53 10.88 2.46
C ASN A 241 -22.82 10.14 2.79
N PRO A 242 -22.80 9.14 3.69
CA PRO A 242 -24.04 8.51 4.15
C PRO A 242 -24.67 9.08 5.44
N PHE A 243 -23.98 10.01 6.12
CA PHE A 243 -24.38 10.45 7.48
C PHE A 243 -25.43 11.55 7.35
N LYS A 244 -26.62 11.31 7.93
CA LYS A 244 -27.76 12.26 7.94
C LYS A 244 -27.56 13.27 9.06
N VAL A 245 -27.60 14.56 8.71
CA VAL A 245 -27.67 15.70 9.66
C VAL A 245 -28.84 16.58 9.24
N PRO A 246 -29.38 17.44 10.13
CA PRO A 246 -30.43 18.40 9.77
C PRO A 246 -30.07 19.17 8.49
N GLU A 247 -31.05 19.34 7.58
CA GLU A 247 -30.80 19.89 6.20
C GLU A 247 -30.42 21.38 6.32
N ASN A 248 -30.68 22.00 7.47
CA ASN A 248 -30.20 23.38 7.80
C ASN A 248 -28.69 23.34 8.08
N GLU A 249 -28.28 22.47 9.01
CA GLU A 249 -26.87 22.24 9.45
C GLU A 249 -26.05 21.49 8.37
N PHE A 250 -26.69 20.96 7.33
CA PHE A 250 -26.03 20.17 6.26
C PHE A 250 -24.81 20.92 5.72
N GLU A 251 -24.95 22.22 5.39
CA GLU A 251 -23.90 22.97 4.64
C GLU A 251 -22.71 23.25 5.57
N ASN A 252 -22.96 23.42 6.88
CA ASN A 252 -21.92 23.50 7.93
C ASN A 252 -21.18 22.16 8.05
N TYR A 253 -21.91 21.05 7.91
CA TYR A 253 -21.38 19.66 7.95
C TYR A 253 -20.38 19.50 6.81
N ILE A 254 -20.79 19.85 5.59
CA ILE A 254 -19.93 19.72 4.39
C ILE A 254 -18.73 20.65 4.52
N ASP A 255 -18.93 21.89 4.98
CA ASP A 255 -17.84 22.88 5.09
C ASP A 255 -16.79 22.37 6.09
N ASP A 256 -17.24 21.76 7.18
CA ASP A 256 -16.33 21.21 8.21
C ASP A 256 -15.59 20.01 7.60
N LEU A 257 -16.25 19.27 6.72
CA LEU A 257 -15.64 18.09 6.03
C LEU A 257 -14.57 18.59 5.07
N GLU A 259 -12.91 21.27 5.51
CA GLU A 259 -11.83 21.79 6.34
C GLU A 259 -10.93 20.63 6.83
N THR A 260 -11.43 19.39 6.91
CA THR A 260 -10.57 18.21 7.27
C THR A 260 -9.47 18.02 6.21
N ALA A 261 -9.75 18.29 4.94
CA ALA A 261 -8.75 18.26 3.84
C ALA A 261 -7.68 19.33 4.06
N ARG A 262 -8.04 20.45 4.67
CA ARG A 262 -7.06 21.52 5.00
C ARG A 262 -6.25 21.07 6.21
N THR A 263 -6.91 20.45 7.18
CA THR A 263 -6.25 19.88 8.37
C THR A 263 -5.18 18.90 7.88
N LEU A 264 -5.51 18.04 6.91
CA LEU A 264 -4.57 17.00 6.41
C LEU A 264 -3.55 17.64 5.48
N ARG A 265 -3.75 18.90 5.10
CA ARG A 265 -2.86 19.71 4.22
C ARG A 265 -2.77 19.06 2.84
N ILE A 266 -3.87 18.55 2.32
CA ILE A 266 -3.88 17.88 0.99
C ILE A 266 -4.48 18.83 -0.03
N ILE A 267 -5.02 19.97 0.41
CA ILE A 267 -5.46 21.09 -0.48
C ILE A 267 -4.23 21.96 -0.79
N ASP A 268 -3.99 22.19 -2.08
CA ASP A 268 -3.05 23.24 -2.55
C ASP A 268 -3.91 24.48 -2.88
N GLU A 269 -4.01 25.41 -1.92
CA GLU A 269 -4.91 26.60 -2.00
C GLU A 269 -4.41 27.54 -3.09
N GLU A 270 -3.09 27.63 -3.25
CA GLU A 270 -2.40 28.55 -4.19
C GLU A 270 -2.82 28.22 -5.63
N ASN A 271 -3.16 26.95 -5.91
CA ASN A 271 -3.49 26.43 -7.27
C ASN A 271 -4.89 25.78 -7.29
N GLY A 272 -5.58 25.72 -6.14
CA GLY A 272 -6.94 25.15 -6.00
C GLY A 272 -7.00 23.64 -6.29
N THR A 273 -5.95 22.88 -5.97
CA THR A 273 -5.95 21.41 -6.24
C THR A 273 -6.05 20.64 -4.92
N LEU A 274 -6.59 19.43 -4.98
CA LEU A 274 -6.56 18.47 -3.87
C LEU A 274 -5.86 17.18 -4.34
N SER A 275 -4.75 16.84 -3.69
CA SER A 275 -3.99 15.60 -3.96
C SER A 275 -4.17 14.65 -2.77
N PHE A 276 -4.85 13.54 -2.97
CA PHE A 276 -5.14 12.55 -1.91
C PHE A 276 -4.57 11.17 -2.27
N LEU A 277 -4.20 10.46 -1.22
CA LEU A 277 -3.63 9.09 -1.29
C LEU A 277 -4.77 8.13 -1.02
N PHE A 278 -4.76 7.00 -1.71
CA PHE A 278 -5.59 5.82 -1.33
C PHE A 278 -4.78 4.56 -1.62
N ASN A 279 -4.95 3.59 -0.72
CA ASN A 279 -4.39 2.24 -0.89
C ASN A 279 -5.50 1.37 -1.42
N ASN A 281 -6.40 -2.82 -3.19
CA ASN A 281 -6.06 -4.23 -3.19
C ASN A 281 -6.63 -4.80 -4.47
N ILE A 282 -5.82 -5.56 -5.21
CA ILE A 282 -6.21 -6.26 -6.47
C ILE A 282 -6.22 -7.73 -6.13
N VAL A 283 -7.37 -8.35 -6.25
CA VAL A 283 -7.55 -9.78 -5.93
C VAL A 283 -7.63 -10.51 -7.26
N HIS A 284 -6.78 -11.49 -7.46
CA HIS A 284 -6.85 -12.37 -8.64
C HIS A 284 -6.75 -13.81 -8.16
N CYS A 285 -7.77 -14.62 -8.41
CA CYS A 285 -7.74 -16.05 -8.02
C CYS A 285 -8.73 -16.87 -8.84
N THR A 286 -8.59 -18.18 -8.67
CA THR A 286 -9.27 -19.25 -9.44
C THR A 286 -10.03 -20.15 -8.48
N LYS A 287 -11.24 -20.52 -8.90
CA LYS A 287 -11.97 -21.69 -8.37
C LYS A 287 -11.45 -22.93 -9.12
N HIS B 30 18.54 7.47 10.50
CA HIS B 30 18.61 6.02 10.15
C HIS B 30 19.17 5.23 11.34
N ASP B 31 18.32 4.44 11.98
CA ASP B 31 18.65 3.61 13.18
C ASP B 31 17.49 2.64 13.38
N CYS B 32 17.74 1.33 13.39
CA CYS B 32 16.68 0.29 13.50
C CYS B 32 16.09 0.32 14.92
N ASN B 33 14.85 -0.11 15.03
CA ASN B 33 13.96 0.11 16.20
C ASN B 33 12.85 -0.94 16.11
N ASP B 34 11.81 -0.84 16.94
CA ASP B 34 10.83 -1.96 17.09
C ASP B 34 9.95 -2.06 15.84
N VAL B 35 9.68 -0.93 15.18
CA VAL B 35 8.91 -0.94 13.90
C VAL B 35 9.68 -1.76 12.86
N THR B 36 10.93 -1.43 12.56
CA THR B 36 11.75 -2.15 11.55
C THR B 36 11.97 -3.59 12.00
N ARG B 37 12.07 -3.85 13.32
CA ARG B 37 12.23 -5.24 13.84
C ARG B 37 11.05 -6.07 13.32
N ILE B 38 9.83 -5.57 13.49
CA ILE B 38 8.59 -6.34 13.15
C ILE B 38 8.41 -6.38 11.64
N ASP B 39 8.77 -5.31 10.91
CA ASP B 39 8.69 -5.32 9.43
C ASP B 39 9.68 -6.36 8.87
N ALA B 40 10.87 -6.48 9.46
CA ALA B 40 11.87 -7.51 9.04
C ALA B 40 11.26 -8.90 9.20
N ILE B 41 10.68 -9.20 10.37
CA ILE B 41 10.05 -10.53 10.64
C ILE B 41 8.97 -10.79 9.57
N GLU B 42 7.96 -9.92 9.46
CA GLU B 42 6.84 -10.06 8.49
C GLU B 42 7.35 -10.27 7.05
N SER B 43 8.28 -9.44 6.62
CA SER B 43 8.86 -9.45 5.25
C SER B 43 9.60 -10.77 4.99
N LEU B 44 10.45 -11.19 5.93
CA LEU B 44 11.27 -12.42 5.73
C LEU B 44 10.39 -13.67 5.88
N THR B 45 9.38 -13.65 6.75
CA THR B 45 8.49 -14.83 6.89
C THR B 45 7.70 -14.98 5.60
N GLU B 46 7.12 -13.90 5.09
CA GLU B 46 6.37 -13.96 3.80
C GLU B 46 7.28 -14.44 2.67
N TYR B 47 8.56 -14.03 2.63
CA TYR B 47 9.43 -14.25 1.43
C TYR B 47 10.51 -15.32 1.64
N GLY B 48 10.57 -15.93 2.82
CA GLY B 48 11.59 -16.95 3.20
C GLY B 48 11.64 -18.13 2.24
N SER B 49 10.54 -18.42 1.54
CA SER B 49 10.43 -19.53 0.56
C SER B 49 10.86 -19.06 -0.83
N LYS B 50 10.56 -17.80 -1.19
CA LYS B 50 10.88 -17.19 -2.51
C LYS B 50 12.38 -16.86 -2.57
N LEU B 51 12.97 -16.57 -1.40
CA LEU B 51 14.40 -16.17 -1.27
C LEU B 51 15.28 -17.43 -1.40
N LYS B 52 16.22 -17.45 -2.34
CA LYS B 52 17.12 -18.62 -2.54
C LYS B 52 18.55 -18.18 -2.20
N PHE B 53 19.27 -19.07 -1.53
CA PHE B 53 20.71 -18.94 -1.17
C PHE B 53 21.45 -20.12 -1.78
N LYS B 54 22.42 -19.86 -2.67
CA LYS B 54 23.28 -20.91 -3.25
C LYS B 54 24.17 -21.45 -2.13
N PRO B 55 24.76 -22.67 -2.29
CA PRO B 55 25.80 -23.14 -1.37
C PRO B 55 26.94 -22.12 -1.23
N LYS B 56 27.39 -21.94 0.01
CA LYS B 56 28.54 -21.07 0.38
C LYS B 56 28.30 -19.67 -0.18
N ALA B 57 27.07 -19.16 -0.04
CA ALA B 57 26.67 -17.84 -0.55
C ALA B 57 27.51 -16.76 0.16
N LYS B 58 28.01 -15.82 -0.63
CA LYS B 58 28.50 -14.53 -0.09
C LYS B 58 27.27 -13.63 -0.02
N VAL B 59 26.91 -13.19 1.19
CA VAL B 59 25.74 -12.30 1.41
C VAL B 59 26.24 -10.95 1.89
N ILE B 60 25.71 -9.88 1.31
CA ILE B 60 25.93 -8.50 1.79
C ILE B 60 24.60 -7.92 2.29
N GLU B 61 24.67 -7.27 3.44
CA GLU B 61 23.51 -6.70 4.14
C GLU B 61 23.84 -5.24 4.44
N VAL B 62 22.93 -4.36 4.08
CA VAL B 62 23.09 -2.89 4.30
C VAL B 62 21.95 -2.48 5.22
N GLY B 63 22.31 -1.87 6.34
CA GLY B 63 21.36 -1.27 7.28
C GLY B 63 22.09 -0.80 8.52
N CYS B 64 21.70 -1.36 9.67
CA CYS B 64 22.32 -1.15 11.00
C CYS B 64 23.47 -2.14 11.18
N ALA B 65 24.62 -1.66 11.66
CA ALA B 65 25.68 -2.51 12.24
C ALA B 65 25.18 -3.15 13.53
N ASP B 66 24.08 -2.64 14.10
CA ASP B 66 23.31 -3.27 15.21
C ASP B 66 23.04 -4.74 14.84
N GLY B 67 23.53 -5.67 15.67
CA GLY B 67 23.69 -7.11 15.35
C GLY B 67 22.37 -7.84 15.12
N SER B 68 21.24 -7.24 15.50
CA SER B 68 19.87 -7.79 15.33
C SER B 68 19.63 -8.18 13.87
N VAL B 69 20.40 -7.60 12.94
CA VAL B 69 20.44 -7.98 11.49
C VAL B 69 20.65 -9.49 11.38
N SER B 70 21.81 -9.97 11.84
CA SER B 70 22.23 -11.40 11.73
C SER B 70 21.24 -12.31 12.47
N ASN B 71 20.75 -11.88 13.63
CA ASN B 71 19.86 -12.68 14.52
C ASN B 71 18.54 -13.00 13.80
N ILE B 72 18.11 -12.15 12.86
CA ILE B 72 16.86 -12.39 12.08
C ILE B 72 17.24 -13.12 10.78
N LEU B 73 18.30 -12.67 10.09
CA LEU B 73 18.77 -13.30 8.83
C LEU B 73 19.16 -14.76 9.06
N PHE B 74 19.78 -15.08 10.20
CA PHE B 74 20.31 -16.44 10.50
C PHE B 74 19.13 -17.41 10.75
N GLN B 75 17.90 -16.90 10.85
CA GLN B 75 16.67 -17.73 10.87
C GLN B 75 16.28 -18.21 9.46
N HIS B 76 16.89 -17.63 8.42
CA HIS B 76 16.60 -17.95 7.00
C HIS B 76 17.88 -18.30 6.23
N LEU B 77 19.04 -17.80 6.66
CA LEU B 77 20.33 -18.15 6.03
C LEU B 77 20.62 -19.61 6.32
N PRO B 78 21.07 -20.40 5.32
CA PRO B 78 21.53 -21.76 5.56
C PRO B 78 22.85 -21.75 6.34
N LYS B 79 23.18 -22.87 6.98
CA LYS B 79 24.40 -23.01 7.82
C LYS B 79 25.63 -22.98 6.90
N ASP B 80 25.43 -23.25 5.62
CA ASP B 80 26.47 -23.40 4.57
C ASP B 80 27.12 -22.06 4.20
N ILE B 81 26.46 -20.92 4.41
CA ILE B 81 26.92 -19.64 3.78
C ILE B 81 28.40 -19.46 4.10
N GLU B 82 29.12 -18.73 3.26
CA GLU B 82 30.57 -18.44 3.43
C GLU B 82 30.73 -17.17 4.27
N LEU B 83 29.98 -16.11 3.94
CA LEU B 83 30.20 -14.78 4.56
C LEU B 83 28.90 -13.99 4.59
N LEU B 84 28.61 -13.37 5.72
CA LEU B 84 27.64 -12.26 5.84
C LEU B 84 28.43 -10.97 6.09
N LEU B 85 28.63 -10.17 5.05
CA LEU B 85 29.20 -8.82 5.20
C LEU B 85 28.06 -7.84 5.52
N SER B 86 28.15 -7.20 6.68
CA SER B 86 27.09 -6.34 7.23
C SER B 86 27.63 -4.91 7.27
N CYS B 87 27.09 -4.07 6.40
CA CYS B 87 27.56 -2.70 6.15
C CYS B 87 26.63 -1.67 6.76
N ASP B 88 27.21 -0.53 7.12
CA ASP B 88 26.54 0.69 7.62
C ASP B 88 27.33 1.86 7.04
N LYS B 89 26.71 3.00 6.81
CA LYS B 89 27.38 4.27 6.45
C LYS B 89 28.09 4.84 7.68
N ASN B 90 27.74 4.35 8.87
CA ASN B 90 28.10 4.90 10.21
C ASN B 90 29.34 4.16 10.76
N GLU B 91 30.54 4.78 10.67
CA GLU B 91 31.84 4.24 11.18
C GLU B 91 31.68 3.77 12.64
N LYS B 92 31.14 4.65 13.51
CA LYS B 92 31.00 4.39 14.97
C LYS B 92 30.22 3.10 15.21
N ALA B 93 29.13 2.88 14.45
CA ALA B 93 28.30 1.67 14.54
C ALA B 93 29.14 0.45 14.12
N VAL B 94 29.93 0.60 13.05
CA VAL B 94 30.79 -0.48 12.47
C VAL B 94 31.94 -0.80 13.45
N GLN B 95 32.56 0.22 14.05
CA GLN B 95 33.58 0.03 15.14
C GLN B 95 33.02 -0.87 16.23
N PHE B 96 31.85 -0.50 16.77
CA PHE B 96 31.22 -1.16 17.93
C PHE B 96 31.00 -2.65 17.63
N ALA B 97 30.42 -2.93 16.46
CA ALA B 97 30.09 -4.30 15.98
C ALA B 97 31.39 -5.12 15.84
N LYS B 98 32.42 -4.52 15.24
CA LYS B 98 33.76 -5.14 15.13
C LYS B 98 34.20 -5.64 16.52
N GLU B 99 34.13 -4.78 17.55
CA GLU B 99 34.62 -5.10 18.91
C GLU B 99 33.77 -6.20 19.56
N HIS B 100 32.44 -6.17 19.44
CA HIS B 100 31.50 -6.88 20.35
C HIS B 100 30.86 -8.11 19.68
N TYR B 101 30.25 -7.96 18.51
CA TYR B 101 29.48 -9.04 17.82
C TYR B 101 30.36 -9.79 16.83
N LYS B 102 30.81 -11.00 17.20
CA LYS B 102 31.65 -11.85 16.31
C LYS B 102 30.98 -13.21 16.12
N ASN B 103 30.38 -13.41 14.94
CA ASN B 103 30.13 -14.73 14.31
C ASN B 103 31.33 -15.01 13.40
N ASN B 104 31.68 -16.28 13.23
CA ASN B 104 32.80 -16.71 12.33
C ASN B 104 32.58 -16.13 10.93
N LYS B 105 31.34 -16.24 10.43
CA LYS B 105 30.95 -15.98 9.02
C LYS B 105 30.55 -14.52 8.80
N THR B 106 30.33 -13.74 9.87
CA THR B 106 29.91 -12.30 9.79
C THR B 106 31.14 -11.40 9.90
N ALA B 107 31.29 -10.47 8.97
CA ALA B 107 32.24 -9.32 9.00
C ALA B 107 31.44 -8.03 8.85
N TYR B 108 32.02 -6.90 9.23
CA TYR B 108 31.39 -5.55 9.22
C TYR B 108 32.28 -4.56 8.50
N ARG B 109 31.67 -3.62 7.80
CA ARG B 109 32.41 -2.66 6.95
C ARG B 109 31.57 -1.41 6.77
N VAL B 110 32.23 -0.25 6.74
CA VAL B 110 31.57 1.02 6.34
C VAL B 110 31.30 0.97 4.83
N LEU B 111 30.08 1.32 4.41
CA LEU B 111 29.72 1.49 2.98
C LEU B 111 28.55 2.46 2.86
N ASP B 112 28.70 3.47 2.00
CA ASP B 112 27.60 4.33 1.54
C ASP B 112 27.08 3.78 0.20
N ILE B 113 25.87 3.22 0.22
CA ILE B 113 25.23 2.55 -0.96
C ILE B 113 24.99 3.59 -2.07
N GLU B 114 24.79 4.86 -1.69
CA GLU B 114 24.61 6.03 -2.60
C GLU B 114 25.93 6.46 -3.22
N GLY B 115 27.06 6.06 -2.63
CA GLY B 115 28.41 6.51 -3.04
C GLY B 115 29.02 5.60 -4.08
N ASP B 116 30.33 5.66 -4.22
CA ASP B 116 31.05 4.82 -5.22
C ASP B 116 31.48 3.53 -4.52
N LEU B 117 31.18 2.39 -5.13
CA LEU B 117 31.56 1.06 -4.61
C LEU B 117 33.08 0.94 -4.58
N PRO B 118 33.65 0.33 -3.53
CA PRO B 118 35.04 -0.11 -3.61
C PRO B 118 35.13 -1.30 -4.58
N GLU B 119 36.18 -1.30 -5.41
CA GLU B 119 36.47 -2.30 -6.48
C GLU B 119 36.53 -3.72 -5.91
N ASP B 120 37.00 -3.89 -4.68
CA ASP B 120 37.13 -5.23 -4.05
C ASP B 120 35.77 -5.81 -3.69
N LEU B 121 34.65 -5.05 -3.78
CA LEU B 121 33.31 -5.60 -3.44
C LEU B 121 32.49 -5.89 -4.71
N LYS B 122 32.89 -5.34 -5.87
CA LYS B 122 32.12 -5.45 -7.15
C LYS B 122 32.02 -6.91 -7.61
N GLY B 123 30.79 -7.37 -7.86
CA GLY B 123 30.50 -8.70 -8.43
C GLY B 123 30.83 -9.83 -7.48
N LYS B 124 30.90 -9.56 -6.17
CA LYS B 124 31.40 -10.54 -5.18
C LYS B 124 30.26 -11.28 -4.47
N PHE B 125 29.00 -10.87 -4.64
CA PHE B 125 27.92 -11.28 -3.71
C PHE B 125 26.84 -12.06 -4.45
N ASP B 126 26.40 -13.15 -3.82
CA ASP B 126 25.27 -14.00 -4.28
C ASP B 126 23.94 -13.39 -3.80
N ASN B 127 23.96 -12.65 -2.70
CA ASN B 127 22.72 -12.07 -2.11
C ASN B 127 22.97 -10.67 -1.56
N PHE B 128 22.10 -9.75 -1.93
CA PHE B 128 22.06 -8.40 -1.34
C PHE B 128 20.73 -8.27 -0.60
N ILE B 129 20.82 -7.85 0.66
CA ILE B 129 19.66 -7.70 1.57
C ILE B 129 19.72 -6.33 2.21
N SER B 130 18.64 -5.56 2.11
CA SER B 130 18.55 -4.26 2.83
C SER B 130 17.11 -4.07 3.33
N LEU B 131 16.93 -4.05 4.64
CA LEU B 131 15.60 -3.87 5.27
C LEU B 131 15.49 -2.47 5.83
N THR B 133 15.92 0.62 4.82
CA THR B 133 17.04 1.54 4.73
C THR B 133 16.86 2.47 3.51
N PHE B 134 16.41 1.92 2.38
CA PHE B 134 16.47 2.60 1.06
C PHE B 134 15.57 3.83 0.99
N HIS B 135 14.56 3.94 1.83
CA HIS B 135 13.77 5.20 1.86
C HIS B 135 14.65 6.37 2.28
N TRP B 136 15.81 6.13 2.91
CA TRP B 136 16.77 7.20 3.29
C TRP B 136 17.69 7.60 2.13
N VAL B 137 17.53 6.98 0.96
CA VAL B 137 18.47 7.13 -0.19
C VAL B 137 17.77 7.93 -1.30
N PRO B 138 18.05 9.25 -1.43
CA PRO B 138 17.47 10.06 -2.50
C PRO B 138 17.85 9.55 -3.91
N GLN B 139 19.10 9.09 -4.09
CA GLN B 139 19.63 8.67 -5.40
C GLN B 139 19.32 7.18 -5.58
N GLN B 140 18.05 6.89 -5.83
CA GLN B 140 17.51 5.52 -5.95
C GLN B 140 18.22 4.77 -7.07
N GLU B 141 18.25 5.33 -8.28
CA GLU B 141 18.86 4.65 -9.45
C GLU B 141 20.33 4.33 -9.16
N LYS B 142 21.09 5.31 -8.65
CA LYS B 142 22.50 5.10 -8.27
C LYS B 142 22.60 3.94 -7.28
N ALA B 143 21.81 3.98 -6.20
CA ALA B 143 21.83 2.93 -5.16
C ALA B 143 21.53 1.56 -5.80
N PHE B 144 20.58 1.50 -6.75
CA PHE B 144 20.14 0.23 -7.38
C PHE B 144 21.21 -0.30 -8.34
N ARG B 145 21.91 0.60 -9.03
CA ARG B 145 23.09 0.27 -9.86
C ARG B 145 24.21 -0.29 -8.96
N ASN B 146 24.50 0.36 -7.83
CA ASN B 146 25.43 -0.17 -6.79
C ASN B 146 24.96 -1.57 -6.34
N VAL B 147 23.66 -1.78 -6.09
CA VAL B 147 23.21 -3.15 -5.70
C VAL B 147 23.58 -4.11 -6.83
N TYR B 148 23.26 -3.73 -8.06
CA TYR B 148 23.49 -4.56 -9.27
C TYR B 148 24.98 -4.92 -9.42
N ASP B 149 25.84 -3.91 -9.23
CA ASP B 149 27.32 -4.04 -9.38
C ASP B 149 27.90 -4.82 -8.19
N LEU B 150 27.25 -4.86 -7.03
CA LEU B 150 27.69 -5.74 -5.90
C LEU B 150 27.42 -7.21 -6.24
N LEU B 151 26.38 -7.48 -7.01
CA LEU B 151 25.93 -8.89 -7.22
C LEU B 151 26.79 -9.59 -8.27
N ALA B 152 27.21 -10.81 -7.95
CA ALA B 152 27.75 -11.82 -8.90
C ALA B 152 26.64 -12.15 -9.89
N GLU B 153 26.94 -12.95 -10.92
CA GLU B 153 25.95 -13.39 -11.93
C GLU B 153 24.91 -14.24 -11.21
N ASP B 154 23.64 -14.08 -11.56
CA ASP B 154 22.45 -14.76 -10.97
C ASP B 154 22.27 -14.38 -9.49
N GLY B 155 22.97 -13.38 -8.99
CA GLY B 155 22.77 -12.89 -7.61
C GLY B 155 21.34 -12.44 -7.40
N GLU B 156 20.80 -12.63 -6.20
CA GLU B 156 19.46 -12.13 -5.79
C GLU B 156 19.60 -10.92 -4.86
N CYS B 157 18.67 -9.99 -4.98
CA CYS B 157 18.53 -8.88 -4.03
C CYS B 157 17.15 -8.93 -3.39
N PHE B 158 17.09 -8.50 -2.13
CA PHE B 158 15.86 -8.41 -1.31
C PHE B 158 15.94 -7.14 -0.49
N LEU B 159 15.04 -6.20 -0.76
CA LEU B 159 15.01 -4.88 -0.08
C LEU B 159 13.58 -4.60 0.37
N THR B 160 13.43 -3.83 1.44
CA THR B 160 12.14 -3.28 1.88
C THR B 160 12.35 -1.80 2.06
N LEU B 161 11.40 -0.97 1.67
CA LEU B 161 11.46 0.45 2.01
C LEU B 161 10.07 1.05 2.13
N LYS B 162 9.99 2.11 2.92
CA LYS B 162 8.80 2.95 3.08
C LYS B 162 8.52 3.71 1.78
N SER B 163 7.22 3.88 1.50
CA SER B 163 6.67 4.94 0.65
C SER B 163 5.93 5.91 1.58
N TYR B 164 4.63 6.10 1.44
CA TYR B 164 3.89 7.05 2.32
C TYR B 164 3.91 6.49 3.76
N SER B 165 3.94 7.39 4.75
CA SER B 165 3.62 7.03 6.15
C SER B 165 3.00 8.23 6.88
N HIS B 166 2.21 7.96 7.91
CA HIS B 166 1.69 9.00 8.84
C HIS B 166 2.84 9.69 9.56
N ILE B 167 3.99 9.03 9.69
CA ILE B 167 5.16 9.70 10.36
C ILE B 167 5.69 10.79 9.43
N TYR B 168 5.90 10.46 8.18
CA TYR B 168 6.34 11.45 7.17
C TYR B 168 5.31 12.58 7.15
N HIS B 169 4.03 12.26 7.18
CA HIS B 169 2.90 13.22 7.08
C HIS B 169 2.94 14.19 8.25
N PHE B 171 5.68 15.15 9.81
CA PHE B 171 6.71 16.11 9.45
C PHE B 171 6.19 17.05 8.36
N VAL B 172 5.40 16.56 7.41
CA VAL B 172 4.84 17.46 6.35
C VAL B 172 3.95 18.50 7.05
N LEU B 173 3.13 18.08 8.01
CA LEU B 173 2.22 19.04 8.68
C LEU B 173 3.08 20.12 9.35
N GLN B 174 4.15 19.71 10.05
CA GLN B 174 5.08 20.60 10.79
C GLN B 174 5.67 21.63 9.83
N SER B 175 6.11 21.21 8.63
CA SER B 175 6.77 22.06 7.57
C SER B 175 5.83 23.14 7.02
N LYS B 176 4.52 23.01 7.22
CA LYS B 176 3.50 23.96 6.71
C LYS B 176 3.22 25.04 7.75
N SER B 177 3.76 24.92 8.94
CA SER B 177 3.53 25.96 9.99
C SER B 177 4.39 27.17 9.66
N ARG B 178 3.85 28.35 9.92
CA ARG B 178 4.51 29.67 9.66
C ARG B 178 5.80 29.75 10.49
N LYS B 179 5.81 29.11 11.67
CA LYS B 179 6.94 29.12 12.64
C LYS B 179 8.06 28.17 12.19
N TRP B 180 7.73 26.91 11.96
CA TRP B 180 8.74 25.84 11.72
C TRP B 180 9.01 25.71 10.22
N GLY B 181 8.11 26.16 9.36
CA GLY B 181 8.28 26.07 7.89
C GLY B 181 9.68 26.48 7.48
N PRO B 182 10.17 27.69 7.89
CA PRO B 182 11.48 28.19 7.47
C PRO B 182 12.71 27.29 7.71
N PHE B 183 12.67 26.35 8.66
CA PHE B 183 13.83 25.47 9.00
C PHE B 183 13.73 24.13 8.28
N LYS B 185 12.96 23.49 4.64
CA LYS B 185 12.72 23.64 3.22
C LYS B 185 13.34 22.45 2.45
N ASN B 186 14.29 21.71 3.04
CA ASN B 186 14.95 20.51 2.44
C ASN B 186 14.25 19.23 2.89
N LYS B 188 12.54 17.12 0.76
CA LYS B 188 12.56 16.11 -0.28
C LYS B 188 13.50 14.96 0.09
N ASN B 189 14.72 15.26 0.57
CA ASN B 189 15.78 14.26 0.91
C ASN B 189 15.40 13.48 2.18
N PHE B 190 14.53 14.05 3.02
CA PHE B 190 14.04 13.41 4.26
C PHE B 190 12.87 12.47 3.95
N LEU B 191 11.90 12.92 3.15
CA LEU B 191 10.75 12.06 2.76
C LEU B 191 11.29 10.87 1.95
N SER B 192 10.67 9.71 2.08
CA SER B 192 10.85 8.61 1.09
C SER B 192 10.73 9.25 -0.30
N PRO B 193 11.55 8.87 -1.29
CA PRO B 193 11.29 9.26 -2.67
C PRO B 193 9.89 8.88 -3.16
N TYR B 194 9.21 7.93 -2.49
CA TYR B 194 7.90 7.40 -2.94
C TYR B 194 6.77 7.88 -2.03
N TYR B 195 7.07 8.83 -1.15
CA TYR B 195 6.09 9.39 -0.19
C TYR B 195 4.82 9.79 -0.95
N ASP B 196 4.93 10.55 -2.05
CA ASP B 196 3.75 11.18 -2.70
C ASP B 196 3.49 10.57 -4.10
N LEU B 197 4.21 9.52 -4.54
CA LEU B 197 4.02 8.93 -5.90
C LEU B 197 2.85 7.95 -5.92
N SER B 198 2.13 7.93 -7.04
CA SER B 198 1.15 6.90 -7.43
C SER B 198 1.93 5.67 -7.92
N PRO B 200 4.16 3.47 -6.46
CA PRO B 200 5.59 3.42 -6.22
C PRO B 200 6.21 2.08 -6.66
N ASP B 201 5.46 0.98 -6.57
CA ASP B 201 5.89 -0.36 -7.03
C ASP B 201 6.29 -0.28 -8.51
N GLN B 202 5.51 0.41 -9.34
CA GLN B 202 5.77 0.50 -10.81
C GLN B 202 6.98 1.40 -11.04
N HIS B 203 7.15 2.49 -10.30
CA HIS B 203 8.36 3.35 -10.41
C HIS B 203 9.59 2.52 -10.09
N ILE B 204 9.56 1.77 -8.99
CA ILE B 204 10.75 1.00 -8.54
C ILE B 204 11.08 -0.03 -9.62
N ALA B 205 10.06 -0.65 -10.20
CA ALA B 205 10.26 -1.82 -11.09
C ALA B 205 10.85 -1.31 -12.41
N LYS B 206 10.39 -0.16 -12.85
CA LYS B 206 11.00 0.60 -13.97
C LYS B 206 12.49 0.86 -13.69
N ILE B 207 12.87 1.36 -12.51
CA ILE B 207 14.32 1.64 -12.24
C ILE B 207 15.11 0.34 -12.34
N LEU B 208 14.59 -0.74 -11.79
CA LEU B 208 15.31 -2.04 -11.71
C LEU B 208 15.50 -2.59 -13.12
N LYS B 209 14.48 -2.45 -13.96
CA LYS B 209 14.50 -2.94 -15.37
C LYS B 209 15.60 -2.19 -16.14
N ASN B 210 15.67 -0.86 -16.01
CA ASN B 210 16.64 0.03 -16.70
C ASN B 210 18.08 -0.35 -16.31
N VAL B 211 18.34 -0.62 -15.03
CA VAL B 211 19.67 -1.00 -14.49
C VAL B 211 20.05 -2.39 -15.00
N GLY B 212 19.06 -3.22 -15.33
CA GLY B 212 19.28 -4.54 -15.94
C GLY B 212 18.89 -5.70 -15.02
N PHE B 213 18.07 -5.50 -14.00
CA PHE B 213 17.62 -6.64 -13.15
C PHE B 213 16.64 -7.51 -13.94
N LYS B 214 16.54 -8.79 -13.56
CA LYS B 214 15.59 -9.78 -14.14
C LYS B 214 14.71 -10.28 -13.00
N ASN B 215 13.58 -10.92 -13.36
CA ASN B 215 12.64 -11.57 -12.41
C ASN B 215 12.19 -10.53 -11.39
N ILE B 216 11.81 -9.36 -11.89
CA ILE B 216 11.52 -8.20 -11.00
C ILE B 216 10.17 -8.48 -10.35
N ASP B 217 10.15 -8.48 -9.03
CA ASP B 217 8.94 -8.59 -8.19
C ASP B 217 8.98 -7.40 -7.23
N VAL B 218 8.09 -6.41 -7.40
CA VAL B 218 7.88 -5.31 -6.43
C VAL B 218 6.44 -5.33 -5.92
N ARG B 219 6.28 -5.49 -4.62
CA ARG B 219 4.96 -5.59 -3.95
C ARG B 219 4.91 -4.51 -2.90
N SER B 220 3.85 -3.72 -2.90
CA SER B 220 3.52 -2.71 -1.86
C SER B 220 2.68 -3.40 -0.78
N LYS B 221 2.73 -2.90 0.43
CA LYS B 221 1.89 -3.38 1.56
C LYS B 221 1.46 -2.15 2.35
N GLN B 222 0.26 -2.20 2.92
CA GLN B 222 -0.17 -1.28 3.98
C GLN B 222 0.14 -1.96 5.32
N LYS B 223 0.83 -1.24 6.19
CA LYS B 223 1.18 -1.72 7.54
C LYS B 223 0.67 -0.71 8.55
N TYR B 225 1.32 0.10 12.91
CA TYR B 225 2.05 -0.19 14.13
C TYR B 225 1.50 0.67 15.27
N THR B 226 1.44 0.09 16.47
CA THR B 226 0.96 0.78 17.70
C THR B 226 2.12 0.90 18.71
N PHE B 227 2.46 2.13 19.11
CA PHE B 227 3.24 2.45 20.33
C PHE B 227 2.29 2.53 21.53
N LYS B 228 2.66 1.87 22.63
CA LYS B 228 1.91 1.92 23.93
C LYS B 228 2.59 2.92 24.89
N ASN B 229 3.67 3.59 24.46
CA ASN B 229 4.51 4.50 25.28
C ASN B 229 4.88 5.74 24.45
N LEU B 230 4.26 6.89 24.73
CA LEU B 230 4.41 8.13 23.92
C LEU B 230 5.73 8.82 24.26
N GLU B 231 6.38 8.47 25.37
CA GLU B 231 7.73 9.02 25.68
C GLU B 231 8.77 8.32 24.79
N LYS B 232 8.68 6.99 24.66
CA LYS B 232 9.49 6.22 23.67
C LYS B 232 9.32 6.86 22.28
N PHE B 233 8.06 7.03 21.85
CA PHE B 233 7.68 7.59 20.54
C PHE B 233 8.32 8.97 20.31
N ARG B 234 8.12 9.89 21.25
CA ARG B 234 8.75 11.24 21.26
C ARG B 234 10.27 11.11 21.04
N GLY B 235 10.94 10.26 21.82
CA GLY B 235 12.40 10.00 21.71
C GLY B 235 12.79 9.52 20.31
N LEU B 236 11.97 8.68 19.67
CA LEU B 236 12.25 8.23 18.27
C LEU B 236 12.21 9.41 17.30
N ILE B 238 12.84 12.58 17.97
CA ILE B 238 14.03 13.40 18.19
C ILE B 238 15.21 12.73 17.47
N GLY B 239 15.35 11.42 17.66
CA GLY B 239 16.34 10.59 16.92
C GLY B 239 16.30 10.82 15.43
N VAL B 240 15.11 10.82 14.79
CA VAL B 240 14.95 10.82 13.31
C VAL B 240 14.89 12.25 12.76
N ASN B 241 14.60 13.26 13.58
CA ASN B 241 14.49 14.64 13.07
C ASN B 241 15.85 15.07 12.52
N PRO B 242 15.95 15.42 11.22
CA PRO B 242 17.16 16.02 10.68
C PRO B 242 17.15 17.55 10.68
N PHE B 243 16.00 18.17 10.96
CA PHE B 243 15.79 19.62 10.71
C PHE B 243 16.37 20.38 11.90
N LYS B 244 17.16 21.41 11.59
CA LYS B 244 17.93 22.17 12.61
C LYS B 244 17.13 23.43 12.92
N VAL B 245 16.61 23.50 14.14
CA VAL B 245 15.93 24.70 14.70
C VAL B 245 16.83 25.33 15.76
N PRO B 246 16.58 26.59 16.19
CA PRO B 246 17.38 27.19 17.25
C PRO B 246 17.29 26.26 18.47
N GLU B 247 18.40 26.10 19.20
CA GLU B 247 18.52 25.08 20.27
C GLU B 247 17.50 25.40 21.38
N ASN B 248 17.17 26.68 21.58
CA ASN B 248 16.25 27.11 22.68
C ASN B 248 14.78 27.09 22.21
N GLU B 249 14.49 26.61 20.99
CA GLU B 249 13.12 26.37 20.49
C GLU B 249 12.94 24.86 20.22
N PHE B 250 13.91 24.01 20.59
CA PHE B 250 13.90 22.59 20.21
C PHE B 250 12.71 21.90 20.90
N GLU B 251 12.45 22.20 22.17
CA GLU B 251 11.37 21.51 22.93
C GLU B 251 10.01 21.96 22.37
N ASN B 252 9.87 23.23 22.01
CA ASN B 252 8.64 23.77 21.35
C ASN B 252 8.46 23.07 19.99
N TYR B 253 9.55 22.85 19.27
CA TYR B 253 9.55 22.16 17.95
C TYR B 253 9.00 20.74 18.12
N ILE B 254 9.56 19.95 19.02
CA ILE B 254 9.10 18.55 19.24
C ILE B 254 7.67 18.55 19.78
N ASP B 255 7.32 19.47 20.68
CA ASP B 255 5.94 19.61 21.23
C ASP B 255 4.95 19.76 20.06
N ASP B 256 5.25 20.63 19.10
CA ASP B 256 4.37 20.88 17.92
C ASP B 256 4.39 19.63 17.03
N LEU B 257 5.54 18.95 16.91
CA LEU B 257 5.62 17.68 16.13
C LEU B 257 4.67 16.65 16.73
N GLU B 259 2.12 17.27 18.42
CA GLU B 259 0.78 17.78 18.24
C GLU B 259 0.24 17.37 16.86
N THR B 260 1.08 17.20 15.85
CA THR B 260 0.58 16.82 14.50
C THR B 260 -0.05 15.43 14.57
N ALA B 261 0.45 14.55 15.43
CA ALA B 261 -0.15 13.22 15.72
C ALA B 261 -1.58 13.41 16.22
N ARG B 262 -1.79 14.38 17.10
CA ARG B 262 -3.14 14.69 17.62
C ARG B 262 -4.00 15.20 16.47
N THR B 263 -3.45 16.06 15.61
CA THR B 263 -4.16 16.65 14.45
C THR B 263 -4.62 15.54 13.48
N LEU B 264 -3.77 14.52 13.24
CA LEU B 264 -4.12 13.36 12.38
C LEU B 264 -5.05 12.45 13.16
N ARG B 265 -5.18 12.63 14.48
CA ARG B 265 -6.09 11.83 15.35
C ARG B 265 -5.62 10.39 15.37
N ILE B 266 -4.31 10.17 15.53
CA ILE B 266 -3.75 8.79 15.58
C ILE B 266 -3.26 8.46 17.01
N ILE B 267 -3.45 9.37 17.95
CA ILE B 267 -3.15 9.16 19.39
C ILE B 267 -4.44 8.78 20.07
N ASP B 268 -4.45 7.68 20.84
CA ASP B 268 -5.58 7.31 21.73
C ASP B 268 -5.25 7.88 23.11
N GLU B 269 -5.84 9.03 23.44
CA GLU B 269 -5.41 9.87 24.58
C GLU B 269 -5.55 9.07 25.88
N GLU B 270 -6.70 8.41 26.08
CA GLU B 270 -7.07 7.71 27.34
C GLU B 270 -6.18 6.47 27.53
N ASN B 271 -5.83 5.75 26.46
CA ASN B 271 -4.95 4.55 26.54
C ASN B 271 -3.46 4.93 26.42
N GLY B 272 -3.12 6.14 25.98
CA GLY B 272 -1.71 6.57 25.80
C GLY B 272 -1.02 5.79 24.70
N THR B 273 -1.73 5.53 23.59
CA THR B 273 -1.18 4.77 22.44
C THR B 273 -1.22 5.67 21.20
N LEU B 274 -0.41 5.31 20.21
CA LEU B 274 -0.34 5.98 18.89
C LEU B 274 -0.26 4.88 17.81
N SER B 275 -1.28 4.81 16.97
CA SER B 275 -1.41 3.84 15.86
C SER B 275 -1.20 4.60 14.56
N PHE B 276 -0.11 4.29 13.87
CA PHE B 276 0.23 4.95 12.59
C PHE B 276 0.27 3.90 11.47
N LEU B 277 -0.12 4.37 10.29
CA LEU B 277 -0.08 3.62 9.02
C LEU B 277 1.23 3.96 8.31
N PHE B 278 1.84 2.95 7.70
CA PHE B 278 2.94 3.16 6.72
C PHE B 278 2.78 2.14 5.60
N ASN B 279 3.04 2.63 4.40
CA ASN B 279 3.12 1.81 3.17
C ASN B 279 4.56 1.42 2.99
N ASN B 281 7.34 -1.25 0.46
CA ASN B 281 7.58 -1.88 -0.81
C ASN B 281 8.59 -2.99 -0.57
N ILE B 282 8.38 -4.10 -1.24
CA ILE B 282 9.28 -5.27 -1.08
C ILE B 282 9.85 -5.51 -2.45
N VAL B 283 11.17 -5.47 -2.55
CA VAL B 283 11.86 -5.69 -3.84
C VAL B 283 12.52 -7.05 -3.81
N HIS B 284 12.20 -7.89 -4.77
CA HIS B 284 12.90 -9.16 -4.99
C HIS B 284 13.22 -9.27 -6.47
N CYS B 285 14.49 -9.36 -6.83
CA CYS B 285 14.91 -9.49 -8.23
C CYS B 285 16.29 -10.13 -8.35
N THR B 286 16.63 -10.51 -9.59
CA THR B 286 17.85 -11.29 -9.94
C THR B 286 18.74 -10.49 -10.90
N LYS B 287 20.03 -10.78 -10.86
CA LYS B 287 21.02 -10.36 -11.89
C LYS B 287 21.34 -11.57 -12.79
#